data_3WJC
#
_entry.id   3WJC
#
_cell.length_a   67.888
_cell.length_b   67.888
_cell.length_c   129.895
_cell.angle_alpha   90.00
_cell.angle_beta   90.00
_cell.angle_gamma   90.00
#
_symmetry.space_group_name_H-M   'P 41'
#
loop_
_entity.id
_entity.type
_entity.pdbx_description
1 polymer 'UPF0678 fatty acid-binding protein-like protein At1g79260'
2 non-polymer [(1,2,5,6-eta)-cyclooctane-1,2,5,6-tetrayl]{(1,2,3,4,5-eta)-1-[2-(2,5-dioxopyrrolidin-1-yl)ethyl]cyclopentadienyl}rhodium
3 non-polymer 'BARIUM ION'
4 water water
#
_entity_poly.entity_id   1
_entity_poly.type   'polypeptide(L)'
_entity_poly.pdbx_seq_one_letter_code
;MWSHPQFEKNQLQQLQNPGESPPVHPFVAPLSYLLGTWRGQGEGEYPTIPSFRYGEEIRFSHSGKPVIAYTQKTWKLESG
APLLAESGYFRPRPDGSIEVVIACSTGLVEVQKGTYNVDEQSIKLKSDLVGNASKVKEISREFELVDGKLSYVVRLSTTT
NPLQPLLKAILDKL
;
_entity_poly.pdbx_strand_id   A,B
#
loop_
_chem_comp.id
_chem_comp.type
_chem_comp.name
_chem_comp.formula
BA non-polymer 'BARIUM ION' 'Ba 2'
RMD non-polymer [(1,2,5,6-eta)-cyclooctane-1,2,5,6-tetrayl]{(1,2,3,4,5-eta)-1-[2-(2,5-dioxopyrrolidin-1-yl)ethyl]cyclopentadienyl}rhodium 'C19 H24 N O2 Rh'
#
# COMPACT_ATOMS: atom_id res chain seq x y z
N PRO A 22 17.83 13.20 6.15
CA PRO A 22 16.99 13.64 5.03
C PRO A 22 15.79 14.49 5.40
N PRO A 23 15.62 15.58 4.64
CA PRO A 23 14.69 16.62 5.08
C PRO A 23 13.25 16.74 4.59
N VAL A 24 12.36 16.80 5.58
CA VAL A 24 10.97 17.21 5.42
C VAL A 24 10.79 18.26 4.32
N HIS A 25 10.22 17.84 3.20
CA HIS A 25 10.15 18.67 2.01
C HIS A 25 9.18 19.83 2.11
N PRO A 26 9.56 20.99 1.57
CA PRO A 26 8.66 22.11 1.81
C PRO A 26 7.19 21.77 1.60
N PHE A 27 6.96 20.75 0.80
CA PHE A 27 5.59 20.45 0.37
C PHE A 27 4.84 19.78 1.50
N VAL A 28 5.55 18.93 2.24
CA VAL A 28 5.12 18.02 3.30
C VAL A 28 5.11 18.67 4.67
N ALA A 29 6.13 19.49 4.92
CA ALA A 29 6.38 20.00 6.26
C ALA A 29 5.22 20.76 6.89
N PRO A 30 4.24 21.18 6.07
CA PRO A 30 3.06 21.64 6.81
C PRO A 30 2.39 20.58 7.67
N LEU A 31 2.28 19.34 7.17
CA LEU A 31 1.78 18.16 7.91
C LEU A 31 2.67 17.55 8.98
N SER A 32 3.96 17.89 9.07
CA SER A 32 4.92 17.26 9.99
C SER A 32 4.41 16.91 11.39
N TYR A 33 3.24 17.44 11.75
CA TYR A 33 2.71 17.11 13.06
C TYR A 33 2.21 15.68 13.16
N LEU A 34 2.09 14.98 12.03
CA LEU A 34 1.70 13.57 11.95
C LEU A 34 2.92 12.67 11.96
N LEU A 35 4.09 13.16 11.57
CA LEU A 35 5.13 12.16 11.48
C LEU A 35 5.34 11.35 12.75
N GLY A 36 5.56 10.05 12.54
CA GLY A 36 5.67 9.11 13.66
C GLY A 36 4.67 7.98 13.75
N THR A 37 4.78 7.20 14.83
CA THR A 37 3.97 6.04 15.21
C THR A 37 2.93 6.45 16.26
N TRP A 38 1.67 6.07 16.05
CA TRP A 38 0.56 6.44 16.93
C TRP A 38 -0.28 5.21 17.23
N ARG A 39 -0.40 4.85 18.51
CA ARG A 39 -1.22 3.77 19.03
C ARG A 39 -2.51 4.14 19.78
N GLY A 40 -3.53 3.28 19.73
CA GLY A 40 -4.80 3.58 20.39
C GLY A 40 -5.79 2.44 20.19
N GLN A 41 -7.08 2.74 20.18
CA GLN A 41 -8.11 1.76 19.83
C GLN A 41 -9.18 2.46 19.03
N GLY A 42 -9.88 1.65 18.23
CA GLY A 42 -10.97 2.02 17.33
C GLY A 42 -12.24 1.42 17.90
N GLU A 43 -13.31 1.66 17.15
CA GLU A 43 -14.60 1.07 17.49
C GLU A 43 -15.35 1.04 16.17
N GLY A 44 -15.77 -0.16 15.75
CA GLY A 44 -16.64 -0.21 14.57
C GLY A 44 -18.12 -0.16 14.88
N GLU A 45 -19.01 0.13 13.93
CA GLU A 45 -20.45 -0.06 14.10
C GLU A 45 -21.05 0.47 12.81
N TYR A 46 -22.07 -0.20 12.29
CA TYR A 46 -22.71 0.14 11.01
C TYR A 46 -24.11 -0.42 11.29
N PRO A 47 -25.09 -0.17 10.42
CA PRO A 47 -26.42 -0.60 10.82
C PRO A 47 -26.67 -2.10 10.79
N THR A 48 -25.74 -2.82 10.18
CA THR A 48 -25.80 -4.26 9.96
C THR A 48 -24.82 -5.00 10.86
N ILE A 49 -23.95 -4.25 11.52
CA ILE A 49 -23.13 -4.89 12.55
C ILE A 49 -23.06 -4.12 13.87
N PRO A 50 -23.29 -4.79 14.99
CA PRO A 50 -23.21 -3.84 16.09
C PRO A 50 -21.76 -3.60 16.48
N SER A 51 -21.64 -2.65 17.40
CA SER A 51 -20.46 -2.06 18.02
C SER A 51 -19.36 -3.11 18.12
N PHE A 52 -18.14 -2.69 17.82
CA PHE A 52 -17.01 -3.57 18.05
C PHE A 52 -15.78 -2.83 18.54
N ARG A 53 -14.60 -3.47 18.58
CA ARG A 53 -13.53 -2.78 19.28
C ARG A 53 -12.27 -3.50 18.86
N TYR A 54 -11.19 -2.78 18.56
CA TYR A 54 -9.99 -3.43 18.04
C TYR A 54 -8.88 -2.52 18.54
N GLY A 55 -7.69 -3.08 18.69
CA GLY A 55 -6.55 -2.17 18.88
C GLY A 55 -6.10 -1.63 17.52
N GLU A 56 -5.38 -0.52 17.58
CA GLU A 56 -4.92 0.11 16.35
C GLU A 56 -3.74 1.07 16.44
N GLU A 57 -2.86 0.86 15.47
CA GLU A 57 -1.63 1.60 15.25
C GLU A 57 -1.70 2.29 13.90
N ILE A 58 -1.24 3.53 13.92
CA ILE A 58 -0.85 4.21 12.69
C ILE A 58 0.60 4.70 12.74
N ARG A 59 1.23 4.61 11.58
CA ARG A 59 2.53 5.27 11.47
C ARG A 59 2.75 6.05 10.17
N PHE A 60 2.89 7.36 10.29
CA PHE A 60 3.36 8.14 9.14
C PHE A 60 4.89 8.32 9.16
N SER A 61 5.59 7.97 8.09
CA SER A 61 7.01 8.26 7.94
C SER A 61 7.30 9.16 6.73
N HIS A 62 8.47 9.14 6.08
CA HIS A 62 9.01 9.96 5.00
C HIS A 62 10.44 9.52 4.71
N SER A 63 10.89 10.04 3.57
CA SER A 63 12.26 9.83 3.13
C SER A 63 12.92 11.01 2.42
N GLY A 64 12.54 12.21 2.84
CA GLY A 64 12.96 13.47 2.25
C GLY A 64 12.38 13.55 0.85
N LYS A 65 11.17 13.10 0.53
CA LYS A 65 10.58 13.30 -0.80
C LYS A 65 9.24 13.97 -0.50
N PRO A 66 8.45 14.42 -1.49
CA PRO A 66 7.14 15.04 -1.24
C PRO A 66 5.99 14.07 -0.94
N VAL A 67 6.30 13.12 -0.05
CA VAL A 67 5.30 12.11 0.32
C VAL A 67 5.61 11.60 1.72
N ILE A 68 4.52 11.52 2.48
CA ILE A 68 4.38 10.80 3.74
C ILE A 68 3.85 9.39 3.42
N ALA A 69 4.65 8.49 3.95
CA ALA A 69 4.28 7.08 3.90
C ALA A 69 3.33 6.73 5.04
N TYR A 70 2.42 5.77 4.79
CA TYR A 70 1.51 5.30 5.82
C TYR A 70 1.41 3.79 5.74
N THR A 71 1.11 3.34 6.96
CA THR A 71 0.96 1.94 7.31
C THR A 71 0.13 1.95 8.58
N GLN A 72 -0.84 1.03 8.63
CA GLN A 72 -1.81 0.87 9.72
C GLN A 72 -2.22 -0.60 9.82
N LYS A 73 -2.51 -0.95 11.07
CA LYS A 73 -2.86 -2.28 11.54
C LYS A 73 -3.69 -2.19 12.81
N THR A 74 -4.59 -3.16 12.83
CA THR A 74 -5.61 -3.48 13.84
C THR A 74 -5.36 -4.92 14.21
N TRP A 75 -5.56 -5.13 15.52
CA TRP A 75 -5.64 -6.38 16.28
C TRP A 75 -6.91 -6.52 17.12
N LYS A 76 -6.99 -7.66 17.80
CA LYS A 76 -8.05 -7.98 18.73
C LYS A 76 -7.50 -7.66 20.12
N LEU A 77 -8.26 -6.83 20.82
CA LEU A 77 -7.95 -6.38 22.16
C LEU A 77 -7.34 -7.27 23.26
N GLU A 78 -7.61 -8.57 23.37
CA GLU A 78 -6.97 -9.37 24.40
C GLU A 78 -6.12 -10.35 23.59
N SER A 79 -6.52 -10.68 22.38
CA SER A 79 -5.77 -11.69 21.64
C SER A 79 -4.28 -11.42 21.46
N GLY A 80 -3.70 -10.33 20.98
CA GLY A 80 -4.24 -9.17 20.27
C GLY A 80 -3.97 -9.80 18.91
N ALA A 81 -5.00 -10.30 18.23
CA ALA A 81 -4.70 -11.11 17.06
C ALA A 81 -4.98 -10.32 15.78
N PRO A 82 -4.29 -10.72 14.71
CA PRO A 82 -4.48 -9.80 13.59
C PRO A 82 -5.91 -9.77 13.07
N LEU A 83 -6.38 -8.56 12.75
CA LEU A 83 -7.57 -8.20 11.98
C LEU A 83 -7.14 -7.75 10.58
N LEU A 84 -6.99 -6.45 10.40
CA LEU A 84 -6.29 -5.96 9.21
C LEU A 84 -5.16 -4.95 9.27
N ALA A 85 -4.51 -4.88 8.11
CA ALA A 85 -3.52 -3.85 7.78
C ALA A 85 -3.95 -3.00 6.60
N GLU A 86 -3.55 -1.72 6.57
CA GLU A 86 -3.68 -1.00 5.31
C GLU A 86 -2.51 -0.04 5.20
N SER A 87 -2.06 0.26 3.99
CA SER A 87 -0.90 1.10 3.78
C SER A 87 -1.01 1.90 2.48
N GLY A 88 -0.49 3.12 2.53
CA GLY A 88 -0.42 3.91 1.30
C GLY A 88 0.63 5.02 1.35
N TYR A 89 0.30 6.12 0.71
CA TYR A 89 1.14 7.28 0.45
C TYR A 89 0.14 8.42 0.38
N PHE A 90 0.57 9.52 1.01
CA PHE A 90 -0.15 10.79 0.91
C PHE A 90 0.57 11.76 -0.03
N ARG A 91 -0.20 12.49 -0.81
CA ARG A 91 0.49 13.53 -1.58
C ARG A 91 -0.13 14.90 -1.30
N PRO A 92 0.56 15.59 -0.37
CA PRO A 92 0.18 16.96 -0.06
C PRO A 92 0.72 17.92 -1.11
N ARG A 93 -0.10 18.90 -1.49
CA ARG A 93 0.40 19.98 -2.31
C ARG A 93 0.27 21.27 -1.52
N PRO A 94 1.08 22.30 -1.81
CA PRO A 94 1.09 23.57 -1.10
C PRO A 94 -0.26 24.26 -1.20
N ASP A 95 -1.01 23.95 -2.26
CA ASP A 95 -2.25 24.70 -2.46
C ASP A 95 -3.32 24.45 -1.41
N GLY A 96 -3.29 23.24 -0.86
CA GLY A 96 -4.17 22.66 0.16
C GLY A 96 -4.55 21.23 -0.19
N SER A 97 -4.77 20.98 -1.48
CA SER A 97 -5.21 19.70 -2.05
C SER A 97 -4.21 18.58 -1.78
N ILE A 98 -4.74 17.39 -1.52
CA ILE A 98 -3.93 16.25 -1.08
C ILE A 98 -4.57 15.03 -1.73
N GLU A 99 -3.74 14.19 -2.31
CA GLU A 99 -4.25 12.94 -2.84
C GLU A 99 -3.68 11.69 -2.17
N VAL A 100 -4.56 10.80 -1.71
CA VAL A 100 -4.02 9.64 -0.99
C VAL A 100 -4.02 8.30 -1.68
N VAL A 101 -3.07 7.42 -1.39
CA VAL A 101 -3.16 6.07 -1.94
C VAL A 101 -3.08 4.96 -0.94
N ILE A 102 -3.95 4.00 -1.24
CA ILE A 102 -4.02 2.85 -0.36
C ILE A 102 -4.39 1.47 -0.90
N ALA A 103 -3.62 0.53 -0.38
CA ALA A 103 -3.86 -0.90 -0.47
C ALA A 103 -3.96 -1.60 0.88
N CYS A 104 -5.27 -1.78 0.77
CA CYS A 104 -5.73 -2.49 1.94
C CYS A 104 -5.68 -3.92 2.40
N SER A 105 -5.30 -4.63 3.47
CA SER A 105 -5.41 -6.15 3.61
C SER A 105 -6.53 -7.07 3.09
N THR A 106 -7.79 -6.67 3.17
CA THR A 106 -8.87 -7.36 2.49
C THR A 106 -8.56 -7.62 1.03
N GLY A 107 -7.68 -6.77 0.52
CA GLY A 107 -7.29 -6.74 -0.89
C GLY A 107 -8.12 -5.75 -1.71
N LEU A 108 -8.18 -4.48 -1.32
CA LEU A 108 -8.87 -3.32 -1.85
C LEU A 108 -8.04 -2.03 -1.90
N VAL A 109 -7.96 -1.39 -3.06
CA VAL A 109 -7.39 -0.06 -3.32
C VAL A 109 -8.32 1.15 -3.36
N GLU A 110 -7.90 2.22 -2.69
CA GLU A 110 -8.59 3.50 -2.73
C GLU A 110 -7.65 4.56 -3.31
N VAL A 111 -8.30 5.39 -4.13
CA VAL A 111 -7.68 6.64 -4.55
C VAL A 111 -8.44 7.58 -3.64
N GLN A 112 -7.66 8.18 -2.74
CA GLN A 112 -8.29 9.13 -1.83
C GLN A 112 -8.12 10.58 -2.31
N LYS A 113 -9.18 11.39 -2.34
CA LYS A 113 -8.91 12.78 -2.70
C LYS A 113 -9.44 13.94 -1.87
N GLY A 114 -8.59 14.82 -1.35
CA GLY A 114 -9.18 15.96 -0.64
C GLY A 114 -8.39 17.22 -0.39
N THR A 115 -8.35 17.64 0.88
CA THR A 115 -7.85 18.95 1.22
C THR A 115 -7.49 18.99 2.70
N TYR A 116 -6.22 19.18 3.06
CA TYR A 116 -5.80 19.48 4.42
C TYR A 116 -5.88 20.89 5.00
N ASN A 117 -5.52 21.04 6.27
CA ASN A 117 -5.82 22.28 6.99
C ASN A 117 -5.02 22.39 8.28
N VAL A 118 -3.85 23.00 8.13
CA VAL A 118 -2.78 23.26 9.07
C VAL A 118 -3.17 23.70 10.46
N ASP A 119 -4.29 24.40 10.53
CA ASP A 119 -4.52 25.00 11.84
C ASP A 119 -5.73 24.38 12.56
N GLU A 120 -6.64 23.92 11.71
CA GLU A 120 -7.61 22.92 12.17
C GLU A 120 -6.88 21.58 12.31
N GLN A 121 -5.63 21.46 11.89
CA GLN A 121 -4.97 20.17 11.89
C GLN A 121 -5.69 18.97 11.23
N SER A 122 -6.53 19.20 10.22
CA SER A 122 -7.28 18.16 9.55
C SER A 122 -7.03 17.71 8.11
N ILE A 123 -7.33 16.46 7.77
CA ILE A 123 -7.04 15.90 6.45
C ILE A 123 -8.35 15.25 6.02
N LYS A 124 -9.21 15.98 5.33
CA LYS A 124 -10.47 15.34 4.89
C LYS A 124 -10.36 14.77 3.49
N LEU A 125 -10.44 13.46 3.31
CA LEU A 125 -10.44 12.80 2.00
C LEU A 125 -11.62 11.88 1.69
N LYS A 126 -11.83 11.67 0.39
CA LYS A 126 -12.96 10.96 -0.16
C LYS A 126 -12.57 10.30 -1.48
N SER A 127 -13.18 9.17 -1.81
CA SER A 127 -12.64 8.23 -2.77
C SER A 127 -13.00 8.60 -4.19
N ASP A 128 -12.03 8.57 -5.10
CA ASP A 128 -12.42 8.89 -6.47
C ASP A 128 -12.32 7.57 -7.25
N LEU A 129 -11.85 6.57 -6.52
CA LEU A 129 -11.76 5.26 -7.13
C LEU A 129 -11.52 4.37 -5.93
N VAL A 130 -12.51 3.50 -5.78
CA VAL A 130 -12.50 2.38 -4.86
C VAL A 130 -12.38 1.09 -5.64
N GLY A 131 -11.18 0.61 -5.94
CA GLY A 131 -11.06 -0.62 -6.72
C GLY A 131 -11.06 -1.90 -5.90
N ASN A 132 -11.60 -2.90 -6.58
CA ASN A 132 -11.78 -4.30 -6.19
C ASN A 132 -12.79 -4.40 -5.06
N ALA A 133 -13.93 -3.74 -5.27
CA ALA A 133 -14.94 -3.80 -4.23
C ALA A 133 -16.26 -4.26 -4.82
N SER A 134 -16.59 -5.43 -4.31
CA SER A 134 -17.98 -5.89 -4.34
C SER A 134 -18.89 -4.69 -4.05
N LYS A 135 -19.37 -4.73 -2.81
CA LYS A 135 -20.41 -3.88 -2.27
C LYS A 135 -20.07 -2.55 -1.61
N VAL A 136 -18.88 -2.02 -1.91
CA VAL A 136 -18.45 -0.76 -1.34
C VAL A 136 -18.56 0.34 -2.39
N LYS A 137 -19.18 1.45 -2.03
CA LYS A 137 -19.36 2.54 -3.00
C LYS A 137 -18.56 3.81 -2.75
N GLU A 138 -18.57 4.25 -1.50
CA GLU A 138 -17.79 5.47 -1.38
C GLU A 138 -17.03 5.17 -0.12
N ILE A 139 -15.90 5.85 0.03
CA ILE A 139 -15.33 5.87 1.37
C ILE A 139 -14.75 7.25 1.66
N SER A 140 -14.89 7.74 2.88
CA SER A 140 -14.16 8.92 3.26
C SER A 140 -13.28 8.70 4.49
N ARG A 141 -12.07 9.26 4.44
CA ARG A 141 -11.25 9.23 5.63
C ARG A 141 -11.17 10.62 6.25
N GLU A 142 -10.57 10.69 7.44
CA GLU A 142 -10.51 11.97 8.11
C GLU A 142 -9.48 11.72 9.18
N PHE A 143 -8.47 12.59 9.22
CA PHE A 143 -7.50 12.37 10.28
C PHE A 143 -7.55 13.80 10.78
N GLU A 144 -7.63 13.93 12.09
CA GLU A 144 -7.60 15.28 12.63
C GLU A 144 -6.81 15.14 13.92
N LEU A 145 -6.31 16.27 14.41
CA LEU A 145 -5.74 16.24 15.74
C LEU A 145 -6.79 16.84 16.64
N VAL A 146 -7.45 15.95 17.38
CA VAL A 146 -8.33 16.47 18.41
C VAL A 146 -7.62 16.30 19.76
N ASP A 147 -7.63 17.43 20.45
CA ASP A 147 -6.93 17.65 21.71
C ASP A 147 -5.72 16.78 21.99
N GLY A 148 -4.77 16.75 21.06
CA GLY A 148 -3.51 16.10 21.40
C GLY A 148 -3.19 14.79 20.71
N LYS A 149 -4.25 14.12 20.23
CA LYS A 149 -4.26 12.74 19.73
C LYS A 149 -4.87 12.72 18.34
N LEU A 150 -4.48 11.74 17.54
CA LEU A 150 -5.09 11.57 16.22
C LEU A 150 -6.49 10.97 16.20
N SER A 151 -7.53 11.70 15.80
CA SER A 151 -8.80 11.03 15.75
C SER A 151 -8.72 10.41 14.36
N TYR A 152 -9.34 9.27 14.08
CA TYR A 152 -9.34 8.67 12.74
C TYR A 152 -10.80 8.27 12.54
N VAL A 153 -11.57 9.10 11.85
CA VAL A 153 -12.92 8.74 11.47
C VAL A 153 -13.16 8.33 10.02
N VAL A 154 -13.83 7.20 9.84
CA VAL A 154 -14.04 6.60 8.53
C VAL A 154 -15.55 6.57 8.33
N ARG A 155 -15.98 6.65 7.09
CA ARG A 155 -17.40 6.70 6.83
C ARG A 155 -17.65 5.93 5.55
N LEU A 156 -18.67 5.08 5.55
CA LEU A 156 -18.78 4.37 4.27
C LEU A 156 -20.14 4.40 3.57
N SER A 157 -20.21 4.10 2.27
CA SER A 157 -21.55 3.95 1.76
C SER A 157 -21.49 2.64 0.97
N THR A 158 -22.52 1.82 1.07
CA THR A 158 -22.57 0.62 0.25
C THR A 158 -23.61 0.74 -0.87
N THR A 159 -23.86 -0.42 -1.44
CA THR A 159 -24.92 -0.47 -2.45
C THR A 159 -26.17 0.02 -1.74
N THR A 160 -26.36 -0.35 -0.47
CA THR A 160 -27.62 -0.21 0.26
C THR A 160 -27.61 0.88 1.34
N ASN A 161 -26.42 1.29 1.72
CA ASN A 161 -26.34 2.37 2.70
C ASN A 161 -25.74 3.69 2.22
N PRO A 162 -26.32 4.77 2.76
CA PRO A 162 -25.78 6.11 2.58
C PRO A 162 -24.39 6.20 3.20
N LEU A 163 -23.67 7.26 2.86
CA LEU A 163 -22.38 7.52 3.47
C LEU A 163 -22.59 7.85 4.94
N GLN A 164 -22.36 6.89 5.84
CA GLN A 164 -22.56 7.09 7.29
C GLN A 164 -21.26 6.54 7.83
N PRO A 165 -20.97 6.83 9.11
CA PRO A 165 -19.73 6.41 9.75
C PRO A 165 -19.69 4.91 10.00
N LEU A 166 -18.47 4.45 10.27
CA LEU A 166 -18.23 3.03 10.35
C LEU A 166 -17.14 2.87 11.40
N LEU A 167 -15.97 3.45 11.14
CA LEU A 167 -14.94 3.26 12.16
C LEU A 167 -14.50 4.57 12.82
N LYS A 168 -14.18 4.52 14.12
CA LYS A 168 -13.76 5.72 14.85
C LYS A 168 -12.66 5.42 15.86
N ALA A 169 -11.49 6.05 15.72
CA ALA A 169 -10.33 5.71 16.53
C ALA A 169 -9.81 7.06 17.04
N ILE A 170 -9.09 7.00 18.14
CA ILE A 170 -8.52 8.11 18.92
C ILE A 170 -7.14 7.59 19.31
N LEU A 171 -6.03 8.11 18.79
CA LEU A 171 -4.75 7.46 19.00
C LEU A 171 -3.85 8.36 19.83
N ASP A 172 -2.68 7.90 20.24
CA ASP A 172 -1.99 8.78 21.17
C ASP A 172 -0.63 8.74 20.50
N LYS A 173 0.00 9.91 20.43
CA LYS A 173 1.27 10.08 19.76
C LYS A 173 2.14 9.20 20.64
N LEU A 174 2.97 8.40 19.99
CA LEU A 174 3.62 7.37 20.81
C LEU A 174 4.92 7.81 21.51
N PRO B 22 3.50 -15.85 16.30
CA PRO B 22 2.48 -16.36 15.38
C PRO B 22 2.90 -17.33 14.26
N PRO B 23 2.11 -18.34 13.88
CA PRO B 23 2.41 -19.33 12.85
C PRO B 23 1.75 -19.15 11.47
N VAL B 24 2.23 -19.73 10.37
CA VAL B 24 1.57 -19.61 9.07
C VAL B 24 0.17 -20.15 8.76
N HIS B 25 -0.63 -19.41 8.00
CA HIS B 25 -1.89 -19.96 7.53
C HIS B 25 -1.74 -20.73 6.21
N PRO B 26 -2.58 -21.76 6.01
CA PRO B 26 -2.46 -22.59 4.83
C PRO B 26 -2.41 -22.00 3.42
N PHE B 27 -2.94 -20.79 3.26
CA PHE B 27 -3.04 -20.22 1.93
C PHE B 27 -1.64 -19.68 1.64
N VAL B 28 -1.06 -19.26 2.75
CA VAL B 28 0.20 -18.58 2.51
C VAL B 28 1.41 -19.51 2.53
N ALA B 29 1.19 -20.76 2.94
CA ALA B 29 2.33 -21.65 3.11
C ALA B 29 2.98 -22.22 1.85
N PRO B 30 2.22 -22.31 0.75
CA PRO B 30 3.02 -22.73 -0.41
C PRO B 30 3.81 -21.63 -1.13
N LEU B 31 3.75 -20.39 -0.64
CA LEU B 31 4.54 -19.24 -1.07
C LEU B 31 5.46 -18.80 0.06
N SER B 32 5.76 -19.76 0.92
CA SER B 32 6.47 -19.40 2.15
C SER B 32 7.94 -19.10 1.90
N TYR B 33 8.41 -19.36 0.69
CA TYR B 33 9.81 -19.22 0.30
C TYR B 33 10.07 -17.73 0.09
N LEU B 34 9.19 -17.03 -0.64
CA LEU B 34 9.28 -15.59 -0.77
C LEU B 34 9.53 -15.00 0.62
N LEU B 35 8.93 -15.57 1.66
CA LEU B 35 9.09 -14.86 2.94
C LEU B 35 10.49 -14.42 3.35
N GLY B 36 10.48 -13.19 3.82
CA GLY B 36 11.69 -12.48 4.23
C GLY B 36 12.09 -11.30 3.37
N THR B 37 13.25 -10.76 3.73
CA THR B 37 13.86 -9.57 3.17
C THR B 37 14.83 -9.92 2.05
N TRP B 38 14.68 -9.27 0.90
CA TRP B 38 15.49 -9.45 -0.29
C TRP B 38 16.10 -8.07 -0.56
N ARG B 39 17.35 -8.08 -1.05
CA ARG B 39 18.13 -6.90 -1.39
C ARG B 39 19.06 -6.98 -2.60
N GLY B 40 18.90 -6.12 -3.60
CA GLY B 40 19.85 -6.17 -4.71
C GLY B 40 19.97 -4.93 -5.58
N GLN B 41 19.77 -5.07 -6.89
CA GLN B 41 19.79 -3.89 -7.74
C GLN B 41 19.04 -4.16 -9.03
N GLY B 42 18.49 -3.11 -9.61
CA GLY B 42 17.78 -3.22 -10.88
C GLY B 42 18.37 -2.40 -11.99
N GLU B 43 17.77 -2.63 -13.16
CA GLU B 43 18.24 -1.87 -14.29
C GLU B 43 16.91 -1.63 -14.98
N GLY B 44 16.52 -0.36 -15.16
CA GLY B 44 15.29 0.04 -15.82
C GLY B 44 15.70 0.40 -17.24
N GLU B 45 14.79 0.50 -18.20
CA GLU B 45 15.24 0.93 -19.53
C GLU B 45 14.12 0.86 -20.53
N TYR B 46 13.70 1.99 -21.10
CA TYR B 46 12.58 1.82 -22.01
C TYR B 46 12.96 2.35 -23.39
N PRO B 47 12.07 2.14 -24.36
CA PRO B 47 12.44 2.87 -25.57
C PRO B 47 12.55 4.38 -25.35
N THR B 48 11.80 4.89 -24.38
CA THR B 48 11.76 6.33 -24.21
C THR B 48 12.92 6.84 -23.35
N ILE B 49 13.57 5.99 -22.57
CA ILE B 49 14.65 6.42 -21.67
C ILE B 49 15.83 5.47 -21.81
N PRO B 50 17.05 5.85 -21.38
CA PRO B 50 18.21 4.95 -21.33
C PRO B 50 18.70 4.30 -20.04
N SER B 51 19.47 3.25 -20.25
CA SER B 51 19.88 2.36 -19.17
C SER B 51 19.98 3.10 -17.85
N PHE B 52 19.29 2.74 -16.76
CA PHE B 52 19.56 3.36 -15.47
C PHE B 52 19.52 2.30 -14.39
N ARG B 53 20.23 2.48 -13.27
CA ARG B 53 20.42 1.40 -12.32
C ARG B 53 20.05 1.72 -10.89
N TYR B 54 19.34 0.85 -10.18
CA TYR B 54 18.97 1.21 -8.81
C TYR B 54 19.24 0.14 -7.74
N GLY B 55 19.34 0.53 -6.47
CA GLY B 55 19.42 -0.59 -5.54
C GLY B 55 17.98 -0.89 -5.21
N GLU B 56 17.69 -2.08 -4.66
CA GLU B 56 16.35 -2.49 -4.24
C GLU B 56 16.22 -3.35 -2.98
N GLU B 57 15.18 -3.08 -2.20
CA GLU B 57 14.86 -3.82 -0.98
C GLU B 57 13.36 -4.13 -1.00
N ILE B 58 13.03 -5.41 -1.12
CA ILE B 58 11.69 -5.96 -0.95
C ILE B 58 11.56 -6.88 0.26
N ARG B 59 10.48 -6.72 1.00
CA ARG B 59 10.12 -7.52 2.17
C ARG B 59 8.83 -8.34 2.01
N PHE B 60 8.93 -9.64 2.26
CA PHE B 60 7.68 -10.37 2.26
C PHE B 60 7.24 -10.95 3.59
N SER B 61 6.00 -10.74 4.03
CA SER B 61 5.55 -11.14 5.37
C SER B 61 4.07 -11.49 5.59
N HIS B 62 3.68 -11.89 6.80
CA HIS B 62 2.31 -12.26 7.19
C HIS B 62 2.11 -12.33 8.68
N SER B 63 0.90 -11.99 9.09
CA SER B 63 0.36 -12.33 10.41
C SER B 63 -0.67 -13.45 10.25
N GLY B 64 -0.26 -14.44 9.46
CA GLY B 64 -0.95 -15.73 9.40
C GLY B 64 -2.37 -15.69 8.88
N LYS B 65 -2.68 -14.65 8.10
CA LYS B 65 -3.93 -14.59 7.35
C LYS B 65 -3.60 -15.09 5.95
N PRO B 66 -4.59 -15.27 5.05
CA PRO B 66 -4.35 -15.70 3.67
C PRO B 66 -3.85 -14.62 2.69
N VAL B 67 -2.90 -13.81 3.14
CA VAL B 67 -2.33 -12.54 2.68
C VAL B 67 -0.86 -12.37 3.04
N ILE B 68 -0.07 -12.02 2.04
CA ILE B 68 1.33 -11.63 2.17
C ILE B 68 1.59 -10.14 1.91
N ALA B 69 1.89 -9.43 2.99
CA ALA B 69 2.25 -8.01 2.93
C ALA B 69 3.49 -7.77 2.07
N TYR B 70 3.55 -6.65 1.35
CA TYR B 70 4.73 -6.40 0.51
C TYR B 70 5.08 -4.92 0.53
N THR B 71 6.36 -4.72 0.79
CA THR B 71 6.99 -3.41 0.82
C THR B 71 8.29 -3.52 0.03
N GLN B 72 8.42 -2.55 -0.86
CA GLN B 72 9.58 -2.40 -1.74
C GLN B 72 10.11 -0.96 -1.63
N LYS B 73 11.36 -0.77 -1.99
CA LYS B 73 11.89 0.58 -2.07
C LYS B 73 13.18 0.57 -2.88
N THR B 74 13.30 1.45 -3.87
CA THR B 74 14.55 1.83 -4.54
C THR B 74 15.31 3.00 -3.91
N TRP B 75 16.58 3.10 -4.26
CA TRP B 75 17.52 4.16 -3.91
C TRP B 75 18.60 4.26 -4.98
N LYS B 76 19.15 5.45 -5.16
CA LYS B 76 20.24 5.76 -6.07
C LYS B 76 21.52 5.06 -5.64
N LEU B 77 22.19 4.33 -6.53
CA LEU B 77 23.36 3.59 -6.06
C LEU B 77 24.45 4.25 -5.19
N GLU B 78 25.20 5.24 -5.63
CA GLU B 78 26.22 5.87 -4.79
C GLU B 78 25.68 6.66 -3.60
N SER B 79 24.93 7.73 -3.90
CA SER B 79 24.29 8.50 -2.83
C SER B 79 23.92 7.61 -1.65
N GLY B 80 23.03 6.64 -1.65
CA GLY B 80 21.93 6.33 -2.57
C GLY B 80 20.79 6.93 -1.74
N ALA B 81 20.25 8.03 -2.23
CA ALA B 81 19.13 8.68 -1.56
C ALA B 81 17.96 7.92 -2.17
N PRO B 82 16.92 7.78 -1.33
CA PRO B 82 15.73 7.03 -1.68
C PRO B 82 15.22 7.56 -3.00
N LEU B 83 14.78 6.67 -3.89
CA LEU B 83 13.93 6.97 -5.05
C LEU B 83 12.47 6.75 -4.66
N LEU B 84 11.86 5.70 -5.20
CA LEU B 84 10.50 5.16 -5.06
C LEU B 84 10.10 4.17 -3.95
N ALA B 85 8.81 3.85 -3.80
CA ALA B 85 8.38 2.89 -2.77
C ALA B 85 6.94 2.36 -2.90
N GLU B 86 6.83 1.04 -2.80
CA GLU B 86 5.60 0.30 -2.83
C GLU B 86 5.31 -0.41 -1.51
N SER B 87 4.03 -0.39 -1.20
CA SER B 87 3.59 -1.34 -0.22
C SER B 87 2.32 -1.90 -0.86
N GLY B 88 1.83 -3.07 -0.43
CA GLY B 88 0.71 -3.82 -1.04
C GLY B 88 0.52 -5.15 -0.35
N TYR B 89 -0.54 -5.91 -0.64
CA TYR B 89 -0.86 -7.22 -0.08
C TYR B 89 -1.15 -8.33 -1.10
N PHE B 90 -0.42 -9.43 -0.98
CA PHE B 90 -0.56 -10.72 -1.66
C PHE B 90 -1.66 -11.64 -1.06
N ARG B 91 -2.74 -11.98 -1.77
CA ARG B 91 -3.81 -12.88 -1.34
C ARG B 91 -3.95 -14.08 -2.28
N PRO B 92 -3.10 -15.10 -2.06
CA PRO B 92 -3.14 -16.37 -2.80
C PRO B 92 -4.25 -17.40 -2.66
N ARG B 93 -4.66 -18.09 -3.72
CA ARG B 93 -5.60 -19.19 -3.50
C ARG B 93 -5.21 -20.55 -4.07
N PRO B 94 -5.57 -21.65 -3.40
CA PRO B 94 -5.26 -23.05 -3.69
C PRO B 94 -5.30 -23.41 -5.17
N ASP B 95 -6.21 -22.80 -5.94
CA ASP B 95 -6.28 -23.13 -7.36
C ASP B 95 -5.08 -22.63 -8.16
N GLY B 96 -4.15 -22.09 -7.38
CA GLY B 96 -2.96 -21.39 -7.87
C GLY B 96 -3.27 -19.99 -8.34
N SER B 97 -4.45 -19.43 -8.10
CA SER B 97 -4.84 -18.06 -8.40
C SER B 97 -4.27 -17.19 -7.29
N ILE B 98 -4.05 -15.93 -7.68
CA ILE B 98 -3.62 -14.84 -6.82
C ILE B 98 -4.06 -13.41 -7.15
N GLU B 99 -4.41 -12.66 -6.12
CA GLU B 99 -4.60 -11.27 -6.47
C GLU B 99 -3.78 -10.38 -5.54
N VAL B 100 -3.31 -9.29 -6.12
CA VAL B 100 -2.19 -8.58 -5.50
C VAL B 100 -2.67 -7.12 -5.52
N VAL B 101 -2.77 -6.49 -4.35
CA VAL B 101 -2.94 -5.05 -4.48
C VAL B 101 -1.78 -4.20 -4.00
N ILE B 102 -1.07 -3.55 -4.94
CA ILE B 102 0.01 -2.57 -4.77
C ILE B 102 -0.25 -1.07 -4.90
N ALA B 103 -0.23 -0.30 -3.80
CA ALA B 103 0.00 1.15 -3.83
C ALA B 103 1.39 1.65 -4.25
N CYS B 104 1.53 2.75 -4.99
CA CYS B 104 2.66 3.57 -5.30
C CYS B 104 2.92 4.86 -4.64
N SER B 105 4.07 5.01 -4.06
CA SER B 105 4.46 6.43 -3.72
C SER B 105 4.24 7.54 -4.75
N THR B 106 4.51 7.21 -6.01
CA THR B 106 4.27 8.04 -7.19
C THR B 106 2.80 8.33 -7.42
N GLY B 107 1.98 7.57 -6.71
CA GLY B 107 0.55 7.83 -6.64
C GLY B 107 -0.25 6.87 -7.51
N LEU B 108 0.28 5.72 -7.87
CA LEU B 108 -0.59 4.66 -8.39
C LEU B 108 -1.19 3.75 -7.32
N VAL B 109 -2.26 3.08 -7.72
CA VAL B 109 -2.67 1.85 -7.07
C VAL B 109 -2.80 0.96 -8.30
N GLU B 110 -2.72 -0.33 -8.02
CA GLU B 110 -2.98 -1.40 -8.98
C GLU B 110 -3.64 -2.57 -8.23
N VAL B 111 -4.43 -3.23 -9.05
CA VAL B 111 -5.14 -4.39 -8.61
C VAL B 111 -4.64 -5.46 -9.56
N GLN B 112 -3.53 -6.12 -9.30
CA GLN B 112 -3.04 -7.15 -10.21
C GLN B 112 -3.65 -8.53 -9.96
N LYS B 113 -4.41 -9.12 -10.89
CA LYS B 113 -4.80 -10.53 -10.91
C LYS B 113 -3.71 -11.37 -11.59
N GLY B 114 -3.63 -12.69 -11.48
CA GLY B 114 -2.53 -13.51 -12.02
C GLY B 114 -2.51 -14.88 -11.36
N THR B 115 -1.42 -15.64 -11.46
CA THR B 115 -1.27 -16.95 -10.84
C THR B 115 0.16 -17.16 -10.30
N TYR B 116 0.30 -18.23 -9.54
CA TYR B 116 1.56 -18.66 -8.98
C TYR B 116 1.48 -20.18 -9.11
N ASN B 117 2.60 -20.75 -9.55
CA ASN B 117 3.10 -22.08 -9.84
C ASN B 117 4.23 -22.33 -8.84
N VAL B 118 4.18 -23.45 -8.13
CA VAL B 118 5.08 -23.81 -7.05
C VAL B 118 6.28 -24.67 -7.41
N ASP B 119 6.18 -25.26 -8.59
CA ASP B 119 7.39 -25.96 -8.99
C ASP B 119 8.41 -24.85 -9.29
N GLU B 120 8.25 -24.16 -10.42
CA GLU B 120 9.08 -23.00 -10.78
C GLU B 120 9.23 -21.89 -9.73
N GLN B 121 8.32 -21.82 -8.77
CA GLN B 121 8.47 -20.80 -7.74
C GLN B 121 8.26 -19.31 -8.06
N SER B 122 7.54 -19.04 -9.14
CA SER B 122 7.09 -17.73 -9.55
C SER B 122 5.82 -17.14 -8.93
N ILE B 123 5.55 -15.87 -9.26
CA ILE B 123 4.19 -15.30 -9.32
C ILE B 123 4.04 -14.61 -10.67
N LYS B 124 2.88 -14.37 -11.28
CA LYS B 124 2.84 -13.68 -12.56
C LYS B 124 1.52 -12.96 -12.77
N LEU B 125 1.61 -11.65 -12.83
CA LEU B 125 0.40 -10.86 -12.74
C LEU B 125 0.29 -10.06 -14.04
N LYS B 126 -0.83 -9.38 -14.24
CA LYS B 126 -1.07 -8.34 -15.22
C LYS B 126 -2.12 -7.53 -14.47
N SER B 127 -2.11 -6.23 -14.74
CA SER B 127 -2.94 -5.28 -14.02
C SER B 127 -4.35 -5.63 -14.44
N ASP B 128 -5.28 -5.31 -13.54
CA ASP B 128 -6.66 -5.44 -13.99
C ASP B 128 -7.26 -4.04 -14.00
N LEU B 129 -6.99 -3.31 -12.92
CA LEU B 129 -7.28 -1.90 -12.74
C LEU B 129 -5.97 -1.21 -12.41
N VAL B 130 -5.64 -0.17 -13.18
CA VAL B 130 -4.54 0.74 -12.85
C VAL B 130 -5.16 2.09 -12.51
N GLY B 131 -4.83 2.71 -11.39
CA GLY B 131 -5.62 3.88 -11.00
C GLY B 131 -4.74 5.08 -10.72
N ASN B 132 -5.29 6.23 -11.12
CA ASN B 132 -4.56 7.50 -11.19
C ASN B 132 -3.38 7.30 -12.12
N ALA B 133 -3.69 6.78 -13.30
CA ALA B 133 -2.71 6.49 -14.33
C ALA B 133 -2.73 7.50 -15.47
N SER B 134 -1.75 8.39 -15.31
CA SER B 134 -1.39 9.28 -16.39
C SER B 134 -1.52 8.50 -17.72
N LYS B 135 -0.40 8.03 -18.25
CA LYS B 135 -0.48 7.45 -19.58
C LYS B 135 -0.25 5.93 -19.58
N VAL B 136 -0.31 5.37 -18.37
CA VAL B 136 -0.10 3.97 -18.02
C VAL B 136 -1.33 3.15 -18.38
N LYS B 137 -1.08 2.19 -19.26
CA LYS B 137 -2.18 1.35 -19.74
C LYS B 137 -2.27 0.05 -18.94
N GLU B 138 -1.17 -0.67 -18.82
CA GLU B 138 -1.18 -2.00 -18.23
C GLU B 138 0.22 -2.34 -17.77
N ILE B 139 0.38 -2.78 -16.52
CA ILE B 139 1.63 -3.32 -15.99
C ILE B 139 1.57 -4.79 -15.61
N SER B 140 2.57 -5.57 -16.02
CA SER B 140 2.60 -6.95 -15.54
C SER B 140 3.79 -7.43 -14.72
N ARG B 141 3.71 -7.43 -13.39
CA ARG B 141 4.86 -7.86 -12.59
C ARG B 141 5.06 -9.36 -12.47
N GLU B 142 6.29 -9.81 -12.26
CA GLU B 142 6.69 -11.21 -12.24
C GLU B 142 7.87 -11.53 -11.32
N PHE B 143 7.55 -11.97 -10.11
CA PHE B 143 8.52 -12.46 -9.14
C PHE B 143 8.65 -13.97 -9.22
N GLU B 144 9.70 -14.55 -9.79
CA GLU B 144 10.08 -15.95 -9.80
C GLU B 144 11.44 -16.05 -9.08
N LEU B 145 11.59 -17.03 -8.20
CA LEU B 145 12.91 -17.42 -7.73
C LEU B 145 13.72 -18.17 -8.79
N VAL B 146 14.63 -17.46 -9.45
CA VAL B 146 15.66 -18.14 -10.21
C VAL B 146 16.89 -18.30 -9.29
N ASP B 147 17.56 -19.42 -9.47
CA ASP B 147 18.79 -19.78 -8.75
C ASP B 147 18.99 -19.34 -7.32
N GLY B 148 17.85 -19.07 -6.71
CA GLY B 148 18.01 -18.82 -5.29
C GLY B 148 17.77 -17.36 -4.99
N LYS B 149 17.54 -16.57 -6.04
CA LYS B 149 17.35 -15.15 -5.78
C LYS B 149 16.06 -14.68 -6.46
N LEU B 150 15.42 -13.69 -5.85
CA LEU B 150 14.26 -13.15 -6.53
C LEU B 150 14.67 -12.44 -7.82
N SER B 151 13.86 -12.57 -8.88
CA SER B 151 14.06 -12.05 -10.21
C SER B 151 12.73 -11.36 -10.49
N TYR B 152 12.77 -10.04 -10.29
CA TYR B 152 11.61 -9.15 -10.24
C TYR B 152 11.50 -8.24 -11.44
N VAL B 153 10.58 -8.59 -12.32
CA VAL B 153 10.44 -7.87 -13.57
C VAL B 153 9.13 -7.09 -13.45
N VAL B 154 9.13 -5.87 -13.98
CA VAL B 154 7.88 -5.16 -14.25
C VAL B 154 7.92 -4.83 -15.74
N ARG B 155 6.89 -5.20 -16.49
CA ARG B 155 6.75 -4.81 -17.91
C ARG B 155 5.64 -3.78 -17.92
N LEU B 156 5.57 -2.97 -18.98
CA LEU B 156 4.68 -1.81 -19.00
C LEU B 156 4.12 -1.37 -20.35
N SER B 157 2.90 -0.85 -20.35
CA SER B 157 2.49 -0.34 -21.65
C SER B 157 2.08 1.11 -21.42
N THR B 158 2.38 1.99 -22.37
CA THR B 158 1.87 3.34 -22.19
C THR B 158 0.81 3.65 -23.24
N THR B 159 0.54 4.95 -23.37
CA THR B 159 -0.48 5.33 -24.34
C THR B 159 0.14 5.30 -25.72
N THR B 160 1.46 5.10 -25.78
CA THR B 160 2.23 5.09 -27.01
C THR B 160 3.06 3.86 -27.29
N ASN B 161 3.29 3.02 -26.28
CA ASN B 161 4.05 1.79 -26.49
C ASN B 161 3.36 0.54 -25.95
N PRO B 162 3.38 -0.54 -26.75
CA PRO B 162 2.88 -1.84 -26.34
C PRO B 162 3.63 -2.33 -25.09
N LEU B 163 3.00 -3.27 -24.39
CA LEU B 163 3.58 -3.89 -23.20
C LEU B 163 4.98 -4.42 -23.47
N GLN B 164 5.95 -4.14 -22.60
CA GLN B 164 7.27 -4.72 -22.88
C GLN B 164 8.06 -4.62 -21.59
N PRO B 165 9.24 -5.23 -21.50
CA PRO B 165 10.11 -5.14 -20.31
C PRO B 165 10.65 -3.74 -19.99
N LEU B 166 10.29 -3.24 -18.81
CA LEU B 166 10.69 -1.91 -18.41
C LEU B 166 11.78 -2.22 -17.40
N LEU B 167 11.45 -2.53 -16.15
CA LEU B 167 12.46 -2.76 -15.12
C LEU B 167 12.87 -4.22 -15.12
N LYS B 168 13.79 -4.57 -14.22
CA LYS B 168 14.18 -5.97 -14.11
C LYS B 168 15.15 -6.03 -12.95
N ALA B 169 14.86 -6.59 -11.78
CA ALA B 169 15.91 -6.45 -10.76
C ALA B 169 16.29 -7.75 -10.08
N ILE B 170 17.57 -7.96 -9.75
CA ILE B 170 17.83 -9.15 -8.96
C ILE B 170 17.97 -8.96 -7.45
N LEU B 171 17.96 -9.99 -6.59
CA LEU B 171 18.07 -9.82 -5.15
C LEU B 171 18.38 -11.10 -4.34
N ASP B 172 18.82 -10.91 -3.09
CA ASP B 172 19.41 -11.92 -2.22
C ASP B 172 18.78 -11.89 -0.83
N LYS B 173 18.73 -13.10 -0.27
CA LYS B 173 17.94 -13.29 0.93
C LYS B 173 18.47 -12.58 2.18
N LEU B 174 17.72 -11.69 2.83
CA LEU B 174 18.29 -11.22 4.10
C LEU B 174 18.03 -12.22 5.21
C2A RMD C . -8.59 -2.39 4.86
C1A RMD C . -10.06 -2.01 4.97
O1A RMD C . -10.95 -2.69 4.52
C3A RMD C . -7.97 -1.07 5.40
C4A RMD C . -9.16 -0.34 5.99
O2A RMD C . -9.15 0.63 6.71
NA RMD C . -10.31 -0.90 5.64
C1B RMD C . -11.67 -0.40 6.00
C2B RMD C . -12.56 -1.65 6.19
C3B RMD C . -13.66 -1.64 5.12
C7B RMD C . -13.47 -1.61 3.80
C6B RMD C . -14.66 -1.50 3.16
C5B RMD C . -15.66 -1.53 4.22
C4B RMD C . -14.98 -1.62 5.38
RH RMD C . -14.60 -3.46 4.19
C8C RMD C . -14.81 -4.94 2.84
C7C RMD C . -16.31 -4.66 2.65
C6C RMD C . -17.17 -4.34 3.85
C1C RMD C . -14.13 -5.29 3.98
C2C RMD C . -14.39 -6.29 5.12
C3C RMD C . -14.88 -5.46 6.32
C4C RMD C . -15.44 -4.06 5.86
C5C RMD C . -16.52 -3.64 5.09
BA BA D . -0.78 27.96 0.83
BA BA E . -8.17 20.29 15.44
C2A RMD F . 6.16 3.25 -7.82
C1A RMD F . 5.89 2.45 -9.09
O1A RMD F . 4.85 2.50 -9.73
C3A RMD F . 7.27 2.35 -7.18
C4A RMD F . 7.60 1.40 -8.31
O2A RMD F . 8.33 0.45 -8.22
NA RMD F . 6.94 1.73 -9.42
C1B RMD F . 7.39 1.27 -10.77
C2B RMD F . 7.96 2.44 -11.58
C3B RMD F . 7.00 2.70 -12.73
C7B RMD F . 5.70 3.02 -12.63
C6B RMD F . 5.09 3.23 -13.83
C5B RMD F . 6.19 2.98 -14.75
C4B RMD F . 7.29 2.68 -14.04
RH RMD F . 6.69 4.75 -13.54
C8C RMD F . 5.19 6.10 -13.64
C7C RMD F . 4.91 6.54 -15.10
C6C RMD F . 6.13 6.49 -15.98
C1C RMD F . 6.16 6.41 -12.74
C2C RMD F . 7.21 7.52 -12.76
C3C RMD F . 8.43 6.90 -13.47
C4C RMD F . 8.13 5.70 -14.45
C5C RMD F . 7.21 5.49 -15.45
BA BA G . -3.37 -27.79 -5.97
BA BA H . 12.55 -21.01 -11.32
#